data_4PYZ
#
_entry.id   4PYZ
#
_cell.length_a   68.328
_cell.length_b   103.755
_cell.length_c   116.197
_cell.angle_alpha   90.000
_cell.angle_beta   90.000
_cell.angle_gamma   90.000
#
_symmetry.space_group_name_H-M   'P 21 21 21'
#
loop_
_entity.id
_entity.type
_entity.pdbx_description
1 polymer 'Ubiquitin carboxyl-terminal hydrolase 7'
2 non-polymer 'UNKNOWN ATOM OR ION'
3 water water
#
_entity_poly.entity_id   1
_entity_poly.type   'polypeptide(L)'
_entity_poly.pdbx_seq_one_letter_code
;SHHHHHHSSGLVPRGSPQQLVERLQEEKRIEAQKRKERQEAHLYMQVQIVAEDQFCGHQGNDMYDEEKVKYTVFKVLKNS
SLAEFVQSLSQTMGFPQDQIRLWPMQARSNGTKRPAMLDNEADGNKTMIELSDNENPWTIFLETVDPELAASGATLPKFD
KDHDVMLFLKMYDPKTRSLNYCGHIYTPISCKIRDLLPVMCDRAGFIQDTSLILYEEVKPNLTERIQDYDVSLDKALDEL
MDGDIIVFQKDDPENDNSELPTAKEYFRDLYHR
;
_entity_poly.pdbx_strand_id   A,B
#
# COMPACT_ATOMS: atom_id res chain seq x y z
N LEU A 11 -11.35 37.72 10.96
CA LEU A 11 -12.21 38.52 11.81
C LEU A 11 -11.49 38.99 13.08
N VAL A 12 -12.00 40.09 13.67
CA VAL A 12 -11.50 40.72 14.89
C VAL A 12 -11.80 39.79 16.12
N PRO A 13 -10.89 39.64 17.12
CA PRO A 13 -11.17 38.72 18.24
C PRO A 13 -12.38 39.12 19.10
N ARG A 14 -13.22 38.12 19.40
CA ARG A 14 -14.45 38.26 20.20
C ARG A 14 -14.51 37.17 21.27
N GLY A 15 -15.03 37.50 22.44
CA GLY A 15 -15.18 36.56 23.55
C GLY A 15 -15.35 37.18 24.92
N SER A 16 -15.80 36.35 25.88
CA SER A 16 -16.01 36.74 27.27
C SER A 16 -14.67 36.82 28.04
N PRO A 17 -14.55 37.55 29.17
CA PRO A 17 -13.25 37.62 29.89
C PRO A 17 -12.68 36.25 30.26
N GLN A 18 -13.55 35.24 30.50
CA GLN A 18 -13.16 33.86 30.79
C GLN A 18 -12.44 33.28 29.57
N GLN A 19 -13.05 33.44 28.37
CA GLN A 19 -12.53 32.97 27.08
C GLN A 19 -11.26 33.72 26.66
N LEU A 20 -11.17 35.02 26.99
CA LEU A 20 -10.02 35.88 26.65
C LEU A 20 -8.78 35.48 27.44
N VAL A 21 -8.94 35.24 28.76
CA VAL A 21 -7.88 34.82 29.68
C VAL A 21 -7.37 33.42 29.27
N GLU A 22 -8.31 32.49 28.99
CA GLU A 22 -8.04 31.11 28.56
C GLU A 22 -7.23 31.08 27.25
N ARG A 23 -7.56 31.97 26.30
CA ARG A 23 -6.88 32.11 25.00
C ARG A 23 -5.45 32.63 25.21
N LEU A 24 -5.27 33.58 26.14
CA LEU A 24 -4.00 34.19 26.50
C LEU A 24 -3.11 33.20 27.26
N GLN A 25 -3.72 32.38 28.16
CA GLN A 25 -3.03 31.35 28.94
C GLN A 25 -2.50 30.25 28.02
N GLU A 26 -3.29 29.88 26.99
CA GLU A 26 -2.94 28.87 25.99
C GLU A 26 -1.80 29.37 25.09
N GLU A 27 -1.84 30.68 24.72
CA GLU A 27 -0.85 31.34 23.88
C GLU A 27 0.53 31.35 24.54
N LYS A 28 0.58 31.68 25.85
CA LYS A 28 1.82 31.73 26.64
C LYS A 28 2.36 30.32 26.91
N ARG A 29 1.46 29.31 27.04
CA ARG A 29 1.80 27.91 27.26
C ARG A 29 2.57 27.34 26.06
N ILE A 30 2.11 27.66 24.83
CA ILE A 30 2.73 27.26 23.57
C ILE A 30 4.06 28.02 23.43
N GLU A 31 4.05 29.33 23.77
CA GLU A 31 5.21 30.23 23.73
C GLU A 31 6.34 29.70 24.62
N ALA A 32 6.01 29.26 25.86
CA ALA A 32 6.97 28.72 26.84
C ALA A 32 7.50 27.35 26.40
N GLN A 33 6.62 26.50 25.80
CA GLN A 33 6.97 25.16 25.32
C GLN A 33 7.90 25.26 24.10
N LYS A 34 7.61 26.20 23.17
CA LYS A 34 8.42 26.43 21.97
C LYS A 34 9.79 27.00 22.32
N ARG A 35 9.87 27.88 23.35
N ARG A 35 9.87 27.88 23.36
CA ARG A 35 11.11 28.50 23.82
CA ARG A 35 11.10 28.51 23.84
C ARG A 35 12.03 27.44 24.46
C ARG A 35 12.04 27.45 24.47
N LYS A 36 11.47 26.51 25.25
CA LYS A 36 12.19 25.43 25.92
C LYS A 36 12.72 24.44 24.88
N GLU A 37 11.93 24.16 23.82
CA GLU A 37 12.29 23.28 22.72
C GLU A 37 13.44 23.87 21.87
N ARG A 38 13.49 25.22 21.75
CA ARG A 38 14.52 25.95 21.01
C ARG A 38 15.87 25.89 21.74
N GLN A 39 15.84 25.99 23.08
CA GLN A 39 17.02 25.98 23.95
C GLN A 39 17.53 24.55 24.19
N GLU A 40 16.61 23.58 24.39
CA GLU A 40 16.94 22.16 24.62
C GLU A 40 17.10 21.39 23.29
N ALA A 41 17.24 22.11 22.15
CA ALA A 41 17.38 21.56 20.79
C ALA A 41 18.50 20.52 20.65
N HIS A 42 19.62 20.69 21.39
CA HIS A 42 20.77 19.78 21.37
C HIS A 42 20.47 18.44 22.07
N LEU A 43 19.46 18.41 22.97
CA LEU A 43 19.07 17.21 23.72
C LEU A 43 18.09 16.31 22.93
N TYR A 44 17.48 16.84 21.86
CA TYR A 44 16.50 16.10 21.04
C TYR A 44 17.08 15.67 19.69
N MET A 45 16.55 14.55 19.16
CA MET A 45 16.90 13.96 17.87
C MET A 45 15.63 13.61 17.07
N GLN A 46 15.71 13.73 15.74
CA GLN A 46 14.58 13.44 14.85
C GLN A 46 14.57 11.96 14.46
N VAL A 47 13.43 11.29 14.65
CA VAL A 47 13.24 9.88 14.32
C VAL A 47 12.22 9.78 13.18
N GLN A 48 12.66 9.29 12.01
CA GLN A 48 11.81 9.14 10.83
C GLN A 48 11.28 7.71 10.77
N ILE A 49 9.94 7.55 10.84
CA ILE A 49 9.26 6.26 10.80
C ILE A 49 8.68 6.05 9.40
N VAL A 50 9.07 4.95 8.74
CA VAL A 50 8.58 4.60 7.41
C VAL A 50 7.81 3.26 7.50
N ALA A 51 6.55 3.27 7.03
CA ALA A 51 5.67 2.10 7.02
C ALA A 51 5.79 1.34 5.70
N GLU A 52 5.46 0.03 5.71
CA GLU A 52 5.53 -0.88 4.58
C GLU A 52 4.65 -0.45 3.37
N ASP A 53 3.72 0.49 3.57
CA ASP A 53 2.85 1.00 2.49
C ASP A 53 3.65 1.92 1.53
N GLN A 54 4.81 2.44 2.00
CA GLN A 54 5.70 3.29 1.22
C GLN A 54 6.64 2.43 0.34
N PHE A 55 6.57 1.10 0.50
CA PHE A 55 7.38 0.12 -0.22
C PHE A 55 6.71 -0.26 -1.54
N CYS A 56 5.36 -0.39 -1.58
CA CYS A 56 4.65 -0.70 -2.83
C CYS A 56 4.67 0.51 -3.74
N GLY A 57 4.79 0.28 -5.04
CA GLY A 57 4.85 1.35 -6.03
C GLY A 57 6.25 1.75 -6.42
N HIS A 58 7.26 1.37 -5.59
CA HIS A 58 8.66 1.69 -5.85
C HIS A 58 9.16 0.84 -7.02
N GLN A 59 9.65 1.52 -8.07
CA GLN A 59 10.13 0.88 -9.29
C GLN A 59 11.66 0.84 -9.39
N GLY A 60 12.34 1.45 -8.43
CA GLY A 60 13.80 1.50 -8.40
C GLY A 60 14.44 0.49 -7.48
N ASN A 61 15.71 0.72 -7.11
CA ASN A 61 16.48 -0.13 -6.21
C ASN A 61 16.14 0.16 -4.75
N ASP A 62 16.38 -0.82 -3.85
CA ASP A 62 16.11 -0.77 -2.40
C ASP A 62 14.59 -0.75 -2.12
N MET A 63 14.20 -0.42 -0.88
CA MET A 63 12.81 -0.40 -0.42
C MET A 63 12.01 0.77 -0.97
N TYR A 64 12.62 1.97 -1.04
CA TYR A 64 11.98 3.20 -1.49
C TYR A 64 12.98 4.22 -2.04
N ASP A 65 12.48 5.21 -2.79
CA ASP A 65 13.29 6.31 -3.30
C ASP A 65 13.39 7.32 -2.16
N GLU A 66 14.62 7.73 -1.81
CA GLU A 66 14.93 8.64 -0.70
C GLU A 66 14.22 10.01 -0.79
N GLU A 67 13.72 10.40 -1.98
CA GLU A 67 13.02 11.67 -2.21
C GLU A 67 11.49 11.52 -2.19
N LYS A 68 10.96 10.43 -2.78
CA LYS A 68 9.51 10.17 -2.89
C LYS A 68 8.85 9.69 -1.59
N VAL A 69 9.60 8.95 -0.75
CA VAL A 69 9.18 8.37 0.53
C VAL A 69 8.55 9.41 1.49
N LYS A 70 7.51 8.99 2.25
CA LYS A 70 6.83 9.81 3.25
C LYS A 70 7.09 9.25 4.65
N TYR A 71 7.69 10.06 5.53
CA TYR A 71 8.02 9.67 6.90
C TYR A 71 7.12 10.31 7.95
N THR A 72 6.96 9.62 9.10
CA THR A 72 6.25 10.11 10.28
C THR A 72 7.38 10.46 11.26
N VAL A 73 7.70 11.77 11.39
CA VAL A 73 8.82 12.24 12.20
C VAL A 73 8.41 12.47 13.66
N PHE A 74 9.25 11.98 14.59
CA PHE A 74 9.09 12.09 16.04
C PHE A 74 10.31 12.77 16.66
N LYS A 75 10.07 13.79 17.51
CA LYS A 75 11.14 14.50 18.23
C LYS A 75 11.35 13.76 19.55
N VAL A 76 12.41 12.95 19.61
CA VAL A 76 12.75 12.11 20.75
C VAL A 76 14.01 12.63 21.45
N LEU A 77 14.03 12.60 22.80
CA LEU A 77 15.20 12.99 23.60
C LEU A 77 16.30 11.93 23.39
N LYS A 78 17.55 12.36 23.28
CA LYS A 78 18.72 11.52 23.00
C LYS A 78 18.99 10.44 24.06
N ASN A 79 18.84 10.77 25.36
CA ASN A 79 19.10 9.81 26.45
C ASN A 79 17.85 8.96 26.84
N SER A 80 16.83 8.91 25.95
CA SER A 80 15.61 8.10 26.17
C SER A 80 15.90 6.65 25.77
N SER A 81 15.32 5.68 26.49
CA SER A 81 15.49 4.25 26.19
C SER A 81 14.64 3.84 24.99
N LEU A 82 14.92 2.65 24.41
CA LEU A 82 14.18 2.11 23.26
C LEU A 82 12.74 1.79 23.67
N ALA A 83 12.53 1.20 24.86
CA ALA A 83 11.23 0.85 25.42
C ALA A 83 10.36 2.10 25.62
N GLU A 84 10.99 3.23 26.00
CA GLU A 84 10.34 4.53 26.20
C GLU A 84 9.78 5.06 24.88
N PHE A 85 10.52 4.82 23.77
CA PHE A 85 10.11 5.24 22.43
C PHE A 85 8.99 4.33 21.90
N VAL A 86 9.16 2.99 22.01
CA VAL A 86 8.20 1.96 21.55
C VAL A 86 6.82 2.23 22.19
N GLN A 87 6.78 2.47 23.53
CA GLN A 87 5.58 2.75 24.32
C GLN A 87 4.86 4.01 23.80
N SER A 88 5.63 5.09 23.51
CA SER A 88 5.10 6.37 23.00
C SER A 88 4.63 6.23 21.55
N LEU A 89 5.33 5.38 20.75
CA LEU A 89 5.01 5.09 19.35
C LEU A 89 3.73 4.26 19.27
N SER A 90 3.57 3.27 20.17
CA SER A 90 2.42 2.37 20.28
C SER A 90 1.12 3.13 20.56
N GLN A 91 1.19 4.16 21.43
CA GLN A 91 0.05 4.99 21.82
C GLN A 91 -0.35 5.97 20.72
N THR A 92 0.62 6.56 20.00
CA THR A 92 0.37 7.53 18.93
C THR A 92 -0.12 6.88 17.64
N MET A 93 0.52 5.77 17.20
CA MET A 93 0.17 5.05 15.97
C MET A 93 -1.17 4.32 16.06
N GLY A 94 -1.54 3.90 17.27
CA GLY A 94 -2.78 3.17 17.54
C GLY A 94 -2.66 1.68 17.28
N PHE A 95 -1.58 1.07 17.81
CA PHE A 95 -1.27 -0.35 17.68
C PHE A 95 -0.66 -0.87 18.99
N PRO A 96 -1.01 -2.10 19.46
CA PRO A 96 -0.35 -2.60 20.69
C PRO A 96 1.11 -2.98 20.42
N GLN A 97 1.95 -3.02 21.47
CA GLN A 97 3.39 -3.31 21.39
C GLN A 97 3.71 -4.69 20.78
N ASP A 98 2.86 -5.70 21.02
CA ASP A 98 3.03 -7.05 20.48
C ASP A 98 2.71 -7.13 18.98
N GLN A 99 2.01 -6.11 18.44
CA GLN A 99 1.62 -6.00 17.03
C GLN A 99 2.64 -5.22 16.19
N ILE A 100 3.64 -4.59 16.84
CA ILE A 100 4.67 -3.79 16.16
C ILE A 100 6.09 -4.30 16.42
N ARG A 101 7.01 -3.98 15.50
CA ARG A 101 8.44 -4.31 15.58
C ARG A 101 9.25 -3.29 14.79
N LEU A 102 10.39 -2.86 15.35
CA LEU A 102 11.26 -1.86 14.73
C LEU A 102 12.47 -2.49 14.04
N TRP A 103 12.74 -2.04 12.81
CA TRP A 103 13.85 -2.48 11.97
C TRP A 103 14.57 -1.22 11.43
N PRO A 104 15.62 -0.74 12.14
CA PRO A 104 16.29 0.50 11.70
C PRO A 104 16.93 0.42 10.32
N MET A 105 16.72 1.46 9.51
CA MET A 105 17.28 1.56 8.16
C MET A 105 18.76 1.87 8.27
N GLN A 106 19.59 0.86 8.00
CA GLN A 106 21.05 0.98 8.10
C GLN A 106 21.71 0.99 6.74
N ALA A 107 22.59 1.98 6.52
CA ALA A 107 23.35 2.14 5.29
C ALA A 107 24.44 1.08 5.23
N ARG A 108 24.46 0.31 4.13
CA ARG A 108 25.44 -0.75 3.91
C ARG A 108 26.69 -0.15 3.22
N SER A 109 27.82 -0.90 3.23
CA SER A 109 29.10 -0.50 2.66
C SER A 109 29.03 -0.20 1.15
N ASN A 110 28.10 -0.86 0.43
CA ASN A 110 27.92 -0.70 -1.02
C ASN A 110 27.01 0.51 -1.38
N GLY A 111 26.58 1.27 -0.38
CA GLY A 111 25.76 2.47 -0.56
C GLY A 111 24.26 2.25 -0.59
N THR A 112 23.80 1.05 -0.16
CA THR A 112 22.38 0.71 -0.12
C THR A 112 21.81 0.92 1.29
N LYS A 113 20.54 1.33 1.38
CA LYS A 113 19.86 1.51 2.67
C LYS A 113 18.80 0.43 2.83
N ARG A 114 19.05 -0.52 3.74
CA ARG A 114 18.19 -1.67 4.01
C ARG A 114 17.83 -1.76 5.51
N PRO A 115 16.68 -2.38 5.92
CA PRO A 115 16.37 -2.49 7.35
C PRO A 115 17.27 -3.51 8.05
N ALA A 116 17.77 -3.15 9.25
CA ALA A 116 18.65 -4.00 10.05
C ALA A 116 17.93 -4.59 11.25
N MET A 117 18.45 -5.69 11.80
CA MET A 117 17.89 -6.37 12.98
C MET A 117 18.17 -5.55 14.24
N LEU A 118 17.15 -5.41 15.11
CA LEU A 118 17.24 -4.70 16.38
C LEU A 118 16.37 -5.42 17.41
N ASP A 119 17.00 -5.87 18.52
CA ASP A 119 16.31 -6.58 19.59
C ASP A 119 15.47 -5.61 20.42
N ASN A 120 14.14 -5.66 20.23
CA ASN A 120 13.16 -4.81 20.91
C ASN A 120 12.96 -5.20 22.39
N GLU A 121 13.64 -6.28 22.86
CA GLU A 121 13.54 -6.77 24.22
C GLU A 121 14.88 -6.63 24.98
N ALA A 122 16.00 -7.08 24.37
CA ALA A 122 17.33 -7.02 24.97
C ALA A 122 17.95 -5.63 24.92
N ASP A 123 17.83 -4.92 23.77
CA ASP A 123 18.39 -3.58 23.58
C ASP A 123 17.38 -2.46 23.97
N GLY A 124 16.38 -2.82 24.78
CA GLY A 124 15.36 -1.91 25.28
C GLY A 124 15.88 -0.91 26.28
N ASN A 125 16.86 -1.33 27.10
CA ASN A 125 17.49 -0.49 28.13
C ASN A 125 18.44 0.56 27.52
N LYS A 126 19.00 0.26 26.32
CA LYS A 126 19.92 1.13 25.59
C LYS A 126 19.24 2.43 25.14
N THR A 127 20.00 3.55 25.15
CA THR A 127 19.50 4.87 24.75
C THR A 127 19.27 4.96 23.23
N MET A 128 18.47 5.94 22.79
CA MET A 128 18.15 6.18 21.39
C MET A 128 19.37 6.72 20.62
N ILE A 129 20.27 7.45 21.31
CA ILE A 129 21.47 8.04 20.71
C ILE A 129 22.55 6.96 20.42
N GLU A 130 22.69 5.94 21.29
CA GLU A 130 23.70 4.89 21.09
C GLU A 130 23.27 3.90 19.99
N LEU A 131 21.95 3.60 19.88
CA LEU A 131 21.41 2.69 18.88
C LEU A 131 21.47 3.33 17.49
N SER A 132 21.24 4.65 17.41
CA SER A 132 21.31 5.42 16.16
C SER A 132 22.75 5.63 15.71
N ASP A 133 23.70 5.62 16.66
CA ASP A 133 25.15 5.85 16.48
C ASP A 133 25.37 7.32 16.06
N ASN A 134 24.73 8.24 16.83
CA ASN A 134 24.73 9.70 16.68
C ASN A 134 24.25 10.13 15.27
N GLU A 135 23.26 9.41 14.71
CA GLU A 135 22.69 9.69 13.40
C GLU A 135 21.43 10.53 13.59
N ASN A 136 21.42 11.74 13.01
CA ASN A 136 20.29 12.67 13.10
C ASN A 136 19.98 13.26 11.72
N PRO A 137 18.84 12.91 11.09
CA PRO A 137 17.76 12.03 11.58
C PRO A 137 18.03 10.53 11.40
N TRP A 138 17.38 9.71 12.25
CA TRP A 138 17.49 8.25 12.24
C TRP A 138 16.21 7.66 11.64
N THR A 139 16.37 6.83 10.59
CA THR A 139 15.24 6.21 9.88
C THR A 139 15.05 4.76 10.36
N ILE A 140 13.80 4.41 10.74
CA ILE A 140 13.42 3.07 11.22
C ILE A 140 12.19 2.58 10.46
N PHE A 141 12.19 1.30 10.04
CA PHE A 141 11.07 0.67 9.37
C PHE A 141 10.15 0.06 10.41
N LEU A 142 8.90 0.54 10.49
CA LEU A 142 7.91 0.03 11.43
C LEU A 142 7.13 -1.11 10.77
N GLU A 143 7.32 -2.33 11.30
CA GLU A 143 6.65 -3.52 10.81
C GLU A 143 5.38 -3.74 11.63
N THR A 144 4.23 -3.88 10.95
CA THR A 144 2.93 -4.10 11.57
C THR A 144 2.24 -5.31 10.96
N VAL A 145 1.35 -5.96 11.73
CA VAL A 145 0.56 -7.11 11.28
C VAL A 145 -0.57 -6.54 10.39
N ASP A 146 -0.92 -7.24 9.29
CA ASP A 146 -1.96 -6.85 8.33
C ASP A 146 -3.29 -6.49 9.06
N PRO A 147 -4.01 -5.41 8.63
CA PRO A 147 -5.26 -5.02 9.33
C PRO A 147 -6.29 -6.13 9.51
N GLU A 148 -6.33 -7.09 8.56
CA GLU A 148 -7.24 -8.25 8.59
C GLU A 148 -6.80 -9.24 9.69
N LEU A 149 -5.49 -9.55 9.76
CA LEU A 149 -4.91 -10.49 10.72
C LEU A 149 -4.83 -9.89 12.13
N ALA A 150 -4.43 -8.60 12.26
CA ALA A 150 -4.28 -7.87 13.52
C ALA A 150 -5.60 -7.76 14.29
N ALA A 151 -6.74 -7.69 13.56
CA ALA A 151 -8.09 -7.60 14.12
C ALA A 151 -8.52 -8.91 14.79
N SER A 152 -8.05 -10.06 14.28
CA SER A 152 -8.38 -11.39 14.80
C SER A 152 -7.47 -11.80 15.99
N GLY A 153 -6.97 -10.79 16.72
CA GLY A 153 -6.11 -10.96 17.90
C GLY A 153 -4.85 -11.75 17.67
N ALA A 154 -4.17 -11.52 16.53
CA ALA A 154 -2.94 -12.22 16.17
C ALA A 154 -1.72 -11.34 16.40
N THR A 155 -0.79 -11.82 17.24
CA THR A 155 0.46 -11.13 17.56
C THR A 155 1.47 -11.35 16.43
N LEU A 156 2.51 -10.50 16.37
CA LEU A 156 3.58 -10.57 15.36
C LEU A 156 4.32 -11.92 15.50
N PRO A 157 4.60 -12.64 14.38
CA PRO A 157 5.27 -13.97 14.49
C PRO A 157 6.64 -13.92 15.17
N LYS A 158 7.01 -15.05 15.82
CA LYS A 158 8.27 -15.21 16.54
C LYS A 158 9.47 -15.16 15.59
N PHE A 159 10.45 -14.29 15.92
CA PHE A 159 11.66 -14.12 15.14
C PHE A 159 12.89 -14.44 15.99
N ASP A 160 13.70 -15.41 15.54
CA ASP A 160 14.93 -15.83 16.21
C ASP A 160 16.11 -15.10 15.55
N LYS A 161 16.77 -14.23 16.33
CA LYS A 161 17.92 -13.41 15.89
C LYS A 161 19.12 -14.24 15.44
N ASP A 162 19.24 -15.48 15.92
CA ASP A 162 20.35 -16.38 15.62
C ASP A 162 20.15 -17.28 14.39
N HIS A 163 18.89 -17.67 14.08
CA HIS A 163 18.64 -18.59 12.96
C HIS A 163 17.61 -18.10 11.92
N ASP A 164 16.74 -17.12 12.27
CA ASP A 164 15.73 -16.61 11.32
C ASP A 164 16.20 -15.30 10.66
N VAL A 165 15.73 -15.06 9.42
CA VAL A 165 16.07 -13.86 8.65
C VAL A 165 14.79 -13.25 7.99
N MET A 166 14.80 -11.93 7.76
CA MET A 166 13.68 -11.19 7.16
C MET A 166 14.02 -10.83 5.70
N LEU A 167 13.59 -11.70 4.76
CA LEU A 167 13.82 -11.51 3.33
C LEU A 167 12.66 -10.78 2.65
N PHE A 168 12.99 -9.75 1.85
CA PHE A 168 12.01 -8.95 1.12
C PHE A 168 11.85 -9.50 -0.30
N LEU A 169 10.60 -9.58 -0.77
CA LEU A 169 10.29 -10.15 -2.09
C LEU A 169 9.74 -9.11 -3.07
N LYS A 170 10.29 -9.12 -4.29
CA LYS A 170 9.91 -8.25 -5.40
C LYS A 170 9.59 -9.09 -6.62
N MET A 171 8.47 -8.80 -7.29
CA MET A 171 8.07 -9.52 -8.49
C MET A 171 8.30 -8.63 -9.72
N TYR A 172 9.06 -9.13 -10.69
CA TYR A 172 9.29 -8.37 -11.92
C TYR A 172 8.40 -8.93 -13.03
N ASP A 173 7.70 -8.03 -13.72
CA ASP A 173 6.83 -8.38 -14.84
C ASP A 173 7.43 -7.77 -16.12
N PRO A 174 8.02 -8.61 -17.00
CA PRO A 174 8.65 -8.07 -18.22
C PRO A 174 7.63 -7.47 -19.19
N LYS A 175 6.41 -8.06 -19.24
CA LYS A 175 5.30 -7.65 -20.11
C LYS A 175 4.83 -6.21 -19.84
N THR A 176 4.98 -5.72 -18.59
CA THR A 176 4.57 -4.37 -18.20
C THR A 176 5.75 -3.48 -17.74
N ARG A 177 7.01 -3.99 -17.82
CA ARG A 177 8.26 -3.29 -17.42
C ARG A 177 8.19 -2.78 -15.96
N SER A 178 7.49 -3.51 -15.07
CA SER A 178 7.30 -3.04 -13.71
C SER A 178 7.69 -4.04 -12.62
N LEU A 179 7.98 -3.50 -11.42
CA LEU A 179 8.29 -4.23 -10.20
C LEU A 179 7.03 -4.20 -9.32
N ASN A 180 6.66 -5.34 -8.75
CA ASN A 180 5.49 -5.48 -7.89
C ASN A 180 5.93 -5.99 -6.53
N TYR A 181 5.74 -5.17 -5.48
CA TYR A 181 6.13 -5.50 -4.10
C TYR A 181 5.29 -6.66 -3.59
N CYS A 182 5.97 -7.67 -3.01
CA CYS A 182 5.35 -8.90 -2.51
C CYS A 182 5.59 -9.10 -1.01
N GLY A 183 5.84 -8.01 -0.29
CA GLY A 183 6.07 -8.01 1.14
C GLY A 183 7.35 -8.68 1.60
N HIS A 184 7.43 -8.97 2.91
CA HIS A 184 8.56 -9.65 3.54
C HIS A 184 8.13 -10.99 4.14
N ILE A 185 9.11 -11.82 4.55
CA ILE A 185 8.87 -13.13 5.14
C ILE A 185 9.93 -13.47 6.18
N TYR A 186 9.49 -14.05 7.30
CA TYR A 186 10.36 -14.53 8.38
C TYR A 186 10.71 -15.96 7.97
N THR A 187 11.93 -16.19 7.52
CA THR A 187 12.35 -17.51 7.07
C THR A 187 13.68 -17.94 7.73
N PRO A 188 13.81 -19.21 8.16
CA PRO A 188 15.10 -19.65 8.75
C PRO A 188 16.21 -19.70 7.71
N ILE A 189 17.46 -19.54 8.17
CA ILE A 189 18.68 -19.54 7.35
C ILE A 189 18.86 -20.92 6.66
N SER A 190 18.53 -22.02 7.36
CA SER A 190 18.64 -23.39 6.87
C SER A 190 17.61 -23.75 5.77
N CYS A 191 16.51 -22.96 5.63
CA CYS A 191 15.44 -23.19 4.65
C CYS A 191 15.96 -23.05 3.21
N LYS A 192 15.62 -24.02 2.36
CA LYS A 192 16.00 -24.08 0.96
C LYS A 192 15.21 -23.08 0.12
N ILE A 193 15.80 -22.63 -1.01
CA ILE A 193 15.21 -21.67 -1.97
C ILE A 193 13.95 -22.28 -2.65
N ARG A 194 13.97 -23.61 -2.89
N ARG A 194 13.96 -23.61 -2.89
CA ARG A 194 12.89 -24.39 -3.48
CA ARG A 194 12.87 -24.37 -3.51
C ARG A 194 11.59 -24.30 -2.65
C ARG A 194 11.58 -24.29 -2.65
N ASP A 195 11.73 -24.28 -1.31
CA ASP A 195 10.61 -24.19 -0.36
C ASP A 195 9.98 -22.78 -0.33
N LEU A 196 10.71 -21.74 -0.78
CA LEU A 196 10.23 -20.35 -0.80
C LEU A 196 9.41 -20.03 -2.06
N LEU A 197 9.50 -20.87 -3.11
CA LEU A 197 8.81 -20.69 -4.40
C LEU A 197 7.26 -20.59 -4.27
N PRO A 198 6.53 -21.46 -3.51
CA PRO A 198 5.06 -21.31 -3.44
C PRO A 198 4.60 -19.96 -2.85
N VAL A 199 5.34 -19.42 -1.86
CA VAL A 199 5.07 -18.14 -1.20
C VAL A 199 5.21 -16.99 -2.22
N MET A 200 6.21 -17.09 -3.10
CA MET A 200 6.48 -16.12 -4.17
C MET A 200 5.35 -16.15 -5.21
N CYS A 201 4.89 -17.36 -5.60
CA CYS A 201 3.78 -17.57 -6.54
C CYS A 201 2.46 -17.06 -5.94
N ASP A 202 2.29 -17.22 -4.60
CA ASP A 202 1.12 -16.82 -3.86
C ASP A 202 0.97 -15.29 -3.82
N ARG A 203 2.01 -14.57 -3.35
CA ARG A 203 2.04 -13.11 -3.22
C ARG A 203 1.97 -12.38 -4.57
N ALA A 204 2.53 -12.99 -5.64
CA ALA A 204 2.52 -12.39 -6.99
C ALA A 204 1.20 -12.62 -7.73
N GLY A 205 0.36 -13.52 -7.20
CA GLY A 205 -0.93 -13.87 -7.77
C GLY A 205 -0.80 -14.81 -8.96
N PHE A 206 0.13 -15.78 -8.87
CA PHE A 206 0.39 -16.77 -9.93
C PHE A 206 -0.18 -18.14 -9.56
N ILE A 207 -0.35 -19.00 -10.59
CA ILE A 207 -0.82 -20.38 -10.51
C ILE A 207 0.21 -21.20 -9.69
N GLN A 208 -0.25 -22.20 -8.91
CA GLN A 208 0.63 -23.06 -8.11
C GLN A 208 1.63 -23.80 -9.02
N ASP A 209 2.90 -23.84 -8.59
CA ASP A 209 4.04 -24.47 -9.26
C ASP A 209 4.34 -23.82 -10.64
N THR A 210 4.48 -22.49 -10.64
CA THR A 210 4.83 -21.70 -11.83
C THR A 210 6.36 -21.60 -11.89
N SER A 211 6.96 -21.87 -13.06
CA SER A 211 8.42 -21.79 -13.28
C SER A 211 8.90 -20.35 -13.10
N LEU A 212 9.87 -20.16 -12.17
CA LEU A 212 10.40 -18.84 -11.83
C LEU A 212 11.91 -18.72 -12.03
N ILE A 213 12.38 -17.50 -12.34
CA ILE A 213 13.78 -17.13 -12.48
C ILE A 213 14.06 -16.17 -11.30
N LEU A 214 14.98 -16.55 -10.41
CA LEU A 214 15.29 -15.79 -9.20
C LEU A 214 16.60 -15.04 -9.27
N TYR A 215 16.61 -13.84 -8.70
CA TYR A 215 17.75 -12.91 -8.63
C TYR A 215 17.87 -12.32 -7.22
N GLU A 216 19.06 -11.76 -6.90
CA GLU A 216 19.30 -11.08 -5.63
C GLU A 216 19.65 -9.64 -5.92
N GLU A 217 18.84 -8.70 -5.41
CA GLU A 217 19.10 -7.27 -5.58
C GLU A 217 20.16 -6.90 -4.53
N VAL A 218 21.43 -6.96 -4.95
CA VAL A 218 22.57 -6.68 -4.07
C VAL A 218 22.74 -5.15 -3.93
N LYS A 219 22.84 -4.45 -5.06
CA LYS A 219 23.02 -2.99 -5.17
C LYS A 219 22.62 -2.53 -6.59
N PRO A 220 22.39 -1.21 -6.87
CA PRO A 220 22.06 -0.81 -8.25
C PRO A 220 23.14 -1.25 -9.24
N ASN A 221 22.72 -1.89 -10.35
CA ASN A 221 23.54 -2.46 -11.45
C ASN A 221 23.99 -3.91 -11.15
N LEU A 222 23.86 -4.38 -9.89
CA LEU A 222 24.23 -5.75 -9.52
C LEU A 222 22.98 -6.55 -9.10
N THR A 223 22.51 -7.41 -10.02
CA THR A 223 21.33 -8.27 -9.86
C THR A 223 21.79 -9.70 -10.22
N GLU A 224 22.34 -10.43 -9.24
CA GLU A 224 22.88 -11.78 -9.39
C GLU A 224 21.81 -12.87 -9.36
N ARG A 225 21.78 -13.72 -10.41
CA ARG A 225 20.84 -14.82 -10.57
C ARG A 225 21.17 -16.00 -9.67
N ILE A 226 20.15 -16.56 -8.99
CA ILE A 226 20.27 -17.73 -8.13
C ILE A 226 20.07 -18.94 -9.06
N GLN A 227 21.19 -19.56 -9.48
CA GLN A 227 21.21 -20.69 -10.42
C GLN A 227 20.68 -22.00 -9.83
N ASP A 228 20.90 -22.25 -8.52
CA ASP A 228 20.42 -23.48 -7.88
C ASP A 228 19.41 -23.17 -6.77
N TYR A 229 18.24 -23.83 -6.82
CA TYR A 229 17.17 -23.65 -5.84
C TYR A 229 17.17 -24.74 -4.76
N ASP A 230 17.96 -25.83 -4.97
CA ASP A 230 18.06 -26.96 -4.05
C ASP A 230 19.01 -26.69 -2.85
N VAL A 231 19.56 -25.46 -2.77
CA VAL A 231 20.46 -25.03 -1.68
C VAL A 231 19.72 -24.10 -0.70
N SER A 232 20.26 -23.96 0.53
CA SER A 232 19.69 -23.11 1.58
C SER A 232 19.91 -21.61 1.26
N LEU A 233 19.21 -20.72 2.01
CA LEU A 233 19.28 -19.25 1.85
C LEU A 233 20.70 -18.70 2.06
N ASP A 234 21.46 -19.31 2.99
CA ASP A 234 22.84 -18.92 3.32
C ASP A 234 23.81 -19.23 2.19
N LYS A 235 23.64 -20.41 1.54
CA LYS A 235 24.50 -20.88 0.45
C LYS A 235 24.22 -20.14 -0.88
N ALA A 236 22.96 -19.75 -1.12
CA ALA A 236 22.55 -19.07 -2.34
C ALA A 236 22.85 -17.57 -2.34
N LEU A 237 22.67 -16.90 -1.18
CA LEU A 237 22.91 -15.46 -1.02
C LEU A 237 24.20 -15.19 -0.26
N ASP A 238 25.16 -14.49 -0.88
CA ASP A 238 26.44 -14.14 -0.25
C ASP A 238 26.21 -13.01 0.75
N GLU A 239 26.75 -13.16 1.98
CA GLU A 239 26.62 -12.22 3.10
C GLU A 239 25.12 -12.01 3.42
N LEU A 240 24.41 -13.13 3.72
CA LEU A 240 22.98 -13.15 4.03
C LEU A 240 22.70 -12.38 5.32
N MET A 241 21.89 -11.31 5.19
CA MET A 241 21.50 -10.40 6.26
C MET A 241 20.01 -10.11 6.19
N ASP A 242 19.48 -9.42 7.21
CA ASP A 242 18.08 -8.98 7.24
C ASP A 242 18.01 -7.75 6.33
N GLY A 243 17.02 -7.73 5.46
CA GLY A 243 16.84 -6.63 4.50
C GLY A 243 17.29 -6.97 3.09
N ASP A 244 17.78 -8.21 2.86
CA ASP A 244 18.20 -8.68 1.54
C ASP A 244 16.97 -8.87 0.65
N ILE A 245 17.09 -8.51 -0.64
CA ILE A 245 15.97 -8.58 -1.58
C ILE A 245 16.15 -9.71 -2.60
N ILE A 246 15.06 -10.48 -2.83
CA ILE A 246 15.00 -11.54 -3.82
C ILE A 246 14.01 -11.08 -4.90
N VAL A 247 14.50 -10.92 -6.14
CA VAL A 247 13.68 -10.49 -7.28
C VAL A 247 13.35 -11.72 -8.12
N PHE A 248 12.05 -12.00 -8.30
CA PHE A 248 11.60 -13.17 -9.08
C PHE A 248 10.68 -12.76 -10.24
N GLN A 249 10.63 -13.61 -11.27
CA GLN A 249 9.82 -13.41 -12.48
C GLN A 249 9.44 -14.76 -13.10
N LYS A 250 8.45 -14.77 -14.00
CA LYS A 250 8.00 -15.97 -14.70
C LYS A 250 9.04 -16.44 -15.73
N ASP A 251 9.22 -17.76 -15.83
CA ASP A 251 10.11 -18.39 -16.81
C ASP A 251 9.21 -18.76 -17.99
N ASP A 252 8.83 -17.72 -18.78
CA ASP A 252 7.91 -17.83 -19.91
C ASP A 252 8.54 -17.31 -21.22
N PRO A 253 8.23 -17.95 -22.39
CA PRO A 253 8.80 -17.47 -23.66
C PRO A 253 8.19 -16.15 -24.16
N GLU A 254 7.10 -15.68 -23.51
CA GLU A 254 6.41 -14.43 -23.84
C GLU A 254 7.27 -13.21 -23.48
N ASN A 255 8.18 -13.37 -22.50
CA ASN A 255 9.10 -12.36 -21.99
C ASN A 255 10.17 -11.97 -23.02
N ASP A 256 10.55 -12.91 -23.91
CA ASP A 256 11.57 -12.75 -24.95
C ASP A 256 11.26 -11.60 -25.93
N ASN A 257 9.97 -11.39 -26.24
CA ASN A 257 9.50 -10.35 -27.17
C ASN A 257 9.49 -8.95 -26.53
N SER A 258 9.48 -8.88 -25.18
CA SER A 258 9.43 -7.63 -24.42
C SER A 258 10.75 -6.83 -24.49
N GLU A 259 10.66 -5.52 -24.17
CA GLU A 259 11.76 -4.53 -24.17
C GLU A 259 12.87 -4.95 -23.21
N LEU A 260 12.50 -5.34 -21.97
CA LEU A 260 13.43 -5.80 -20.94
C LEU A 260 12.96 -7.18 -20.44
N PRO A 261 13.43 -8.28 -21.09
CA PRO A 261 12.96 -9.64 -20.72
C PRO A 261 13.30 -10.11 -19.31
N THR A 262 14.41 -9.63 -18.71
CA THR A 262 14.82 -10.06 -17.37
C THR A 262 14.93 -8.87 -16.40
N ALA A 263 14.91 -9.17 -15.09
CA ALA A 263 15.04 -8.20 -13.99
C ALA A 263 16.45 -7.62 -13.98
N LYS A 264 17.47 -8.43 -14.35
CA LYS A 264 18.87 -8.04 -14.45
C LYS A 264 19.05 -6.96 -15.52
N GLU A 265 18.35 -7.10 -16.66
CA GLU A 265 18.36 -6.15 -17.77
C GLU A 265 17.58 -4.87 -17.41
N TYR A 266 16.56 -5.00 -16.53
CA TYR A 266 15.72 -3.88 -16.07
C TYR A 266 16.54 -2.95 -15.15
N PHE A 267 17.25 -3.51 -14.15
CA PHE A 267 18.05 -2.74 -13.19
C PHE A 267 19.28 -2.10 -13.86
N ARG A 268 19.80 -2.72 -14.95
CA ARG A 268 20.94 -2.22 -15.72
C ARG A 268 20.49 -0.97 -16.51
N ASP A 269 19.25 -1.01 -17.05
CA ASP A 269 18.62 0.07 -17.80
C ASP A 269 18.30 1.25 -16.87
N LEU A 270 17.89 0.95 -15.62
CA LEU A 270 17.57 1.92 -14.57
C LEU A 270 18.82 2.67 -14.11
N TYR A 271 19.96 1.97 -14.01
CA TYR A 271 21.24 2.50 -13.58
C TYR A 271 21.82 3.48 -14.61
N HIS A 272 21.65 3.20 -15.91
CA HIS A 272 22.18 4.01 -17.01
C HIS A 272 21.14 5.02 -17.55
N ARG A 273 20.11 5.37 -16.75
CA ARG A 273 19.05 6.32 -17.11
C ARG A 273 19.61 7.75 -17.28
N PRO B 13 0.54 -43.06 4.81
CA PRO B 13 -0.16 -43.02 6.10
C PRO B 13 -0.71 -44.39 6.51
N ARG B 14 -0.53 -44.74 7.78
CA ARG B 14 -0.97 -46.02 8.38
C ARG B 14 -1.73 -45.79 9.69
N GLY B 15 -2.60 -46.75 10.03
CA GLY B 15 -3.41 -46.71 11.24
C GLY B 15 -3.97 -48.05 11.68
N SER B 16 -4.34 -48.14 12.97
CA SER B 16 -4.92 -49.34 13.58
C SER B 16 -6.39 -49.52 13.14
N PRO B 17 -7.00 -50.74 13.20
CA PRO B 17 -8.40 -50.90 12.74
C PRO B 17 -9.40 -49.89 13.31
N GLN B 18 -9.30 -49.54 14.60
CA GLN B 18 -10.21 -48.56 15.24
C GLN B 18 -9.98 -47.15 14.69
N GLN B 19 -8.70 -46.81 14.35
CA GLN B 19 -8.32 -45.51 13.78
C GLN B 19 -8.83 -45.39 12.34
N LEU B 20 -8.84 -46.52 11.59
CA LEU B 20 -9.30 -46.60 10.21
C LEU B 20 -10.82 -46.41 10.14
N VAL B 21 -11.55 -46.95 11.15
CA VAL B 21 -13.00 -46.82 11.30
C VAL B 21 -13.31 -45.33 11.58
N GLU B 22 -12.52 -44.71 12.47
CA GLU B 22 -12.60 -43.30 12.85
C GLU B 22 -12.31 -42.38 11.64
N ARG B 23 -11.29 -42.74 10.82
CA ARG B 23 -10.90 -41.99 9.62
C ARG B 23 -11.99 -42.03 8.54
N LEU B 24 -12.73 -43.15 8.46
CA LEU B 24 -13.81 -43.35 7.49
C LEU B 24 -15.06 -42.55 7.91
N GLN B 25 -15.35 -42.51 9.24
CA GLN B 25 -16.48 -41.79 9.82
C GLN B 25 -16.32 -40.27 9.66
N GLU B 26 -15.07 -39.78 9.72
CA GLU B 26 -14.71 -38.37 9.52
C GLU B 26 -14.84 -38.00 8.04
N GLU B 27 -14.49 -38.96 7.14
CA GLU B 27 -14.58 -38.81 5.69
C GLU B 27 -16.04 -38.72 5.22
N LYS B 28 -16.94 -39.52 5.86
CA LYS B 28 -18.38 -39.54 5.56
C LYS B 28 -19.05 -38.26 6.06
N ARG B 29 -18.64 -37.76 7.23
CA ARG B 29 -19.15 -36.52 7.85
C ARG B 29 -18.74 -35.29 7.01
N ILE B 30 -17.50 -35.29 6.49
CA ILE B 30 -16.95 -34.22 5.66
C ILE B 30 -17.69 -34.13 4.32
N GLU B 31 -18.06 -35.30 3.74
CA GLU B 31 -18.79 -35.38 2.48
C GLU B 31 -20.25 -34.97 2.68
N ALA B 32 -20.81 -35.21 3.90
CA ALA B 32 -22.17 -34.83 4.28
C ALA B 32 -22.26 -33.30 4.40
N GLN B 33 -21.16 -32.67 4.85
CA GLN B 33 -21.03 -31.21 5.00
C GLN B 33 -20.93 -30.57 3.60
N LYS B 34 -20.18 -31.20 2.68
CA LYS B 34 -19.99 -30.75 1.29
C LYS B 34 -21.29 -30.89 0.50
N ARG B 35 -22.09 -31.94 0.79
CA ARG B 35 -23.38 -32.21 0.14
C ARG B 35 -24.40 -31.13 0.53
N LYS B 36 -24.41 -30.72 1.82
CA LYS B 36 -25.29 -29.68 2.36
C LYS B 36 -24.94 -28.32 1.74
N GLU B 37 -23.62 -28.05 1.58
CA GLU B 37 -23.09 -26.82 0.98
C GLU B 37 -23.47 -26.72 -0.49
N ARG B 38 -23.41 -27.86 -1.22
CA ARG B 38 -23.77 -27.96 -2.64
C ARG B 38 -25.26 -27.73 -2.86
N GLN B 39 -26.10 -28.17 -1.89
CA GLN B 39 -27.55 -28.03 -1.92
C GLN B 39 -27.98 -26.58 -1.67
N GLU B 40 -27.26 -25.85 -0.79
CA GLU B 40 -27.54 -24.47 -0.40
C GLU B 40 -26.76 -23.42 -1.21
N ALA B 41 -25.85 -23.88 -2.11
CA ALA B 41 -24.96 -23.05 -2.95
C ALA B 41 -25.68 -21.96 -3.78
N HIS B 42 -26.90 -22.26 -4.29
CA HIS B 42 -27.69 -21.36 -5.12
C HIS B 42 -28.18 -20.10 -4.36
N LEU B 43 -28.30 -20.18 -3.03
CA LEU B 43 -28.75 -19.09 -2.17
C LEU B 43 -27.64 -18.06 -1.90
N TYR B 44 -26.38 -18.43 -2.20
CA TYR B 44 -25.20 -17.60 -1.95
C TYR B 44 -24.62 -16.96 -3.21
N MET B 45 -23.94 -15.81 -3.04
CA MET B 45 -23.27 -15.06 -4.11
C MET B 45 -21.87 -14.63 -3.64
N GLN B 46 -20.91 -14.56 -4.58
CA GLN B 46 -19.53 -14.18 -4.29
C GLN B 46 -19.36 -12.67 -4.41
N VAL B 47 -18.77 -12.04 -3.38
CA VAL B 47 -18.51 -10.60 -3.36
C VAL B 47 -17.00 -10.38 -3.24
N GLN B 48 -16.38 -9.88 -4.32
CA GLN B 48 -14.93 -9.63 -4.40
C GLN B 48 -14.61 -8.22 -3.91
N ILE B 49 -14.04 -8.12 -2.70
CA ILE B 49 -13.66 -6.86 -2.06
C ILE B 49 -12.21 -6.51 -2.44
N VAL B 50 -11.96 -5.24 -2.79
CA VAL B 50 -10.66 -4.71 -3.18
C VAL B 50 -10.45 -3.33 -2.51
N ALA B 51 -9.32 -3.16 -1.82
CA ALA B 51 -8.99 -1.92 -1.12
C ALA B 51 -7.90 -1.12 -1.88
N GLU B 52 -7.57 0.09 -1.39
CA GLU B 52 -6.57 1.01 -1.96
C GLU B 52 -5.14 0.43 -2.00
N ASP B 53 -4.84 -0.59 -1.17
CA ASP B 53 -3.54 -1.25 -1.11
C ASP B 53 -3.22 -1.96 -2.44
N GLN B 54 -4.28 -2.41 -3.14
CA GLN B 54 -4.19 -3.08 -4.45
C GLN B 54 -4.08 -2.04 -5.58
N PHE B 55 -4.39 -0.77 -5.28
CA PHE B 55 -4.30 0.35 -6.21
C PHE B 55 -2.87 0.89 -6.20
N CYS B 56 -2.15 0.66 -5.08
CA CYS B 56 -0.74 1.03 -4.88
C CYS B 56 0.14 0.18 -5.80
N GLY B 57 0.94 0.85 -6.61
CA GLY B 57 1.86 0.18 -7.53
C GLY B 57 1.33 -0.18 -8.90
N HIS B 58 0.08 0.19 -9.22
CA HIS B 58 -0.50 -0.09 -10.54
C HIS B 58 0.12 0.87 -11.55
N GLN B 59 0.76 0.31 -12.59
CA GLN B 59 1.48 1.09 -13.60
C GLN B 59 0.71 1.24 -14.92
N GLY B 60 -0.46 0.61 -15.04
CA GLY B 60 -1.29 0.70 -16.24
C GLY B 60 -2.50 1.59 -16.12
N ASN B 61 -3.48 1.42 -17.03
CA ASN B 61 -4.73 2.18 -17.05
C ASN B 61 -5.68 1.68 -15.97
N ASP B 62 -6.64 2.54 -15.55
CA ASP B 62 -7.65 2.30 -14.50
C ASP B 62 -7.01 2.15 -13.11
N MET B 63 -7.71 1.52 -12.15
CA MET B 63 -7.27 1.37 -10.77
C MET B 63 -6.29 0.22 -10.56
N TYR B 64 -6.57 -0.95 -11.17
CA TYR B 64 -5.76 -2.16 -11.02
C TYR B 64 -5.79 -3.02 -12.29
N ASP B 65 -4.82 -3.95 -12.40
CA ASP B 65 -4.76 -4.91 -13.50
C ASP B 65 -5.57 -6.12 -13.09
N GLU B 66 -6.51 -6.56 -13.95
CA GLU B 66 -7.42 -7.69 -13.70
C GLU B 66 -6.68 -9.03 -13.42
N GLU B 67 -5.44 -9.19 -13.91
CA GLU B 67 -4.65 -10.41 -13.72
C GLU B 67 -3.72 -10.35 -12.48
N LYS B 68 -3.30 -9.15 -12.07
CA LYS B 68 -2.37 -8.97 -10.94
C LYS B 68 -3.06 -8.63 -9.60
N VAL B 69 -4.30 -8.10 -9.64
CA VAL B 69 -5.06 -7.70 -8.45
C VAL B 69 -5.42 -8.93 -7.56
N LYS B 70 -5.46 -8.72 -6.23
CA LYS B 70 -5.82 -9.74 -5.25
C LYS B 70 -7.14 -9.37 -4.59
N TYR B 71 -8.18 -10.19 -4.80
CA TYR B 71 -9.52 -9.96 -4.25
C TYR B 71 -9.71 -10.66 -2.91
N THR B 72 -10.54 -10.05 -2.04
CA THR B 72 -10.93 -10.58 -0.73
C THR B 72 -12.39 -11.05 -0.94
N VAL B 73 -12.55 -12.34 -1.27
CA VAL B 73 -13.85 -12.94 -1.61
C VAL B 73 -14.66 -13.30 -0.35
N PHE B 74 -15.94 -12.88 -0.34
CA PHE B 74 -16.91 -13.12 0.74
C PHE B 74 -18.13 -13.86 0.18
N LYS B 75 -18.54 -14.97 0.84
CA LYS B 75 -19.71 -15.75 0.44
C LYS B 75 -20.91 -15.18 1.22
N VAL B 76 -21.72 -14.35 0.52
CA VAL B 76 -22.87 -13.65 1.09
C VAL B 76 -24.18 -14.22 0.54
N LEU B 77 -25.25 -14.23 1.37
CA LEU B 77 -26.59 -14.66 0.97
C LEU B 77 -27.13 -13.66 -0.06
N LYS B 78 -27.91 -14.13 -1.04
CA LYS B 78 -28.49 -13.26 -2.07
C LYS B 78 -29.58 -12.37 -1.45
N ASN B 79 -30.27 -12.89 -0.40
CA ASN B 79 -31.35 -12.21 0.32
C ASN B 79 -30.80 -11.34 1.48
N SER B 80 -29.47 -11.36 1.72
CA SER B 80 -28.81 -10.55 2.76
C SER B 80 -28.82 -9.07 2.38
N SER B 81 -28.99 -8.18 3.37
CA SER B 81 -29.01 -6.74 3.14
C SER B 81 -27.60 -6.15 3.10
N LEU B 82 -27.47 -4.89 2.64
CA LEU B 82 -26.20 -4.17 2.56
C LEU B 82 -25.66 -3.90 3.97
N ALA B 83 -26.54 -3.53 4.91
CA ALA B 83 -26.22 -3.25 6.32
C ALA B 83 -25.60 -4.47 7.02
N GLU B 84 -26.09 -5.68 6.69
CA GLU B 84 -25.59 -6.96 7.21
C GLU B 84 -24.18 -7.23 6.70
N PHE B 85 -23.91 -6.89 5.41
CA PHE B 85 -22.61 -7.06 4.78
C PHE B 85 -21.60 -6.04 5.31
N VAL B 86 -22.03 -4.76 5.46
CA VAL B 86 -21.21 -3.65 5.99
C VAL B 86 -20.74 -4.01 7.42
N GLN B 87 -21.64 -4.60 8.23
CA GLN B 87 -21.37 -5.03 9.60
C GLN B 87 -20.33 -6.18 9.62
N SER B 88 -20.51 -7.20 8.75
CA SER B 88 -19.63 -8.36 8.63
C SER B 88 -18.24 -7.99 8.10
N LEU B 89 -18.18 -7.08 7.10
CA LEU B 89 -16.95 -6.60 6.47
C LEU B 89 -16.13 -5.75 7.45
N SER B 90 -16.79 -4.84 8.21
CA SER B 90 -16.15 -3.97 9.20
C SER B 90 -15.54 -4.77 10.36
N GLN B 91 -16.22 -5.86 10.76
CA GLN B 91 -15.80 -6.76 11.83
C GLN B 91 -14.58 -7.59 11.41
N THR B 92 -14.55 -8.07 10.14
CA THR B 92 -13.47 -8.90 9.59
C THR B 92 -12.22 -8.05 9.29
N MET B 93 -12.40 -6.84 8.72
CA MET B 93 -11.28 -5.94 8.36
C MET B 93 -10.74 -5.16 9.59
N GLY B 94 -11.52 -5.12 10.67
CA GLY B 94 -11.14 -4.43 11.90
C GLY B 94 -11.18 -2.92 11.80
N PHE B 95 -12.31 -2.39 11.33
CA PHE B 95 -12.58 -0.97 11.13
C PHE B 95 -14.00 -0.64 11.61
N PRO B 96 -14.27 0.56 12.18
CA PRO B 96 -15.66 0.88 12.55
C PRO B 96 -16.49 1.18 11.30
N GLN B 97 -17.82 0.92 11.38
CA GLN B 97 -18.76 1.14 10.27
C GLN B 97 -18.82 2.61 9.82
N ASP B 98 -18.47 3.53 10.75
CA ASP B 98 -18.43 4.98 10.51
C ASP B 98 -17.25 5.36 9.61
N GLN B 99 -16.18 4.55 9.62
CA GLN B 99 -14.94 4.78 8.87
C GLN B 99 -14.88 4.04 7.52
N ILE B 100 -15.88 3.20 7.18
CA ILE B 100 -15.88 2.47 5.91
C ILE B 100 -17.08 2.82 5.01
N ARG B 101 -16.84 2.81 3.69
CA ARG B 101 -17.83 3.07 2.64
C ARG B 101 -17.59 2.12 1.46
N LEU B 102 -18.68 1.65 0.84
CA LEU B 102 -18.64 0.72 -0.28
C LEU B 102 -18.89 1.43 -1.61
N TRP B 103 -17.97 1.23 -2.57
CA TRP B 103 -18.03 1.81 -3.91
C TRP B 103 -18.02 0.67 -4.95
N PRO B 104 -19.19 0.20 -5.43
CA PRO B 104 -19.20 -0.93 -6.37
C PRO B 104 -18.51 -0.63 -7.70
N MET B 105 -17.63 -1.54 -8.13
CA MET B 105 -16.89 -1.44 -9.40
C MET B 105 -17.86 -1.65 -10.55
N GLN B 106 -17.91 -0.71 -11.50
CA GLN B 106 -18.84 -0.76 -12.62
C GLN B 106 -18.11 -0.58 -13.95
N ALA B 107 -18.50 -1.41 -14.94
CA ALA B 107 -17.94 -1.36 -16.30
C ALA B 107 -18.59 -0.24 -17.09
N ARG B 108 -17.76 0.62 -17.71
CA ARG B 108 -18.21 1.76 -18.51
C ARG B 108 -18.30 1.37 -19.99
N SER B 109 -19.08 2.16 -20.78
CA SER B 109 -19.30 1.96 -22.22
C SER B 109 -18.00 1.98 -23.02
N ASN B 110 -17.04 2.84 -22.61
CA ASN B 110 -15.72 2.99 -23.23
C ASN B 110 -14.81 1.76 -22.98
N GLY B 111 -15.17 0.90 -22.03
CA GLY B 111 -14.44 -0.32 -21.70
C GLY B 111 -13.63 -0.32 -20.42
N THR B 112 -13.72 0.77 -19.64
CA THR B 112 -12.99 0.91 -18.38
C THR B 112 -13.81 0.40 -17.19
N LYS B 113 -13.13 0.02 -16.09
CA LYS B 113 -13.78 -0.45 -14.86
C LYS B 113 -13.33 0.45 -13.70
N ARG B 114 -14.22 1.36 -13.28
CA ARG B 114 -13.99 2.35 -12.21
C ARG B 114 -15.04 2.18 -11.09
N PRO B 115 -14.77 2.61 -9.83
CA PRO B 115 -15.80 2.47 -8.78
C PRO B 115 -16.93 3.48 -8.95
N ALA B 116 -18.18 3.02 -8.72
CA ALA B 116 -19.38 3.84 -8.85
C ALA B 116 -19.97 4.22 -7.49
N MET B 117 -20.85 5.24 -7.47
CA MET B 117 -21.52 5.75 -6.26
C MET B 117 -22.63 4.81 -5.81
N LEU B 118 -22.81 4.70 -4.47
CA LEU B 118 -23.83 3.89 -3.81
C LEU B 118 -24.12 4.47 -2.41
N ASP B 119 -25.41 4.65 -2.08
CA ASP B 119 -25.81 5.17 -0.78
C ASP B 119 -25.90 4.02 0.23
N ASN B 120 -24.93 3.98 1.16
CA ASN B 120 -24.81 2.94 2.18
C ASN B 120 -25.85 3.10 3.30
N GLU B 121 -26.44 4.31 3.44
CA GLU B 121 -27.45 4.62 4.47
C GLU B 121 -28.89 4.48 3.95
N ALA B 122 -29.13 4.79 2.66
CA ALA B 122 -30.47 4.73 2.06
C ALA B 122 -30.80 3.36 1.44
N ASP B 123 -29.84 2.73 0.74
CA ASP B 123 -30.03 1.44 0.08
C ASP B 123 -29.62 0.25 0.98
N GLY B 124 -29.40 0.51 2.27
CA GLY B 124 -29.00 -0.49 3.26
C GLY B 124 -30.03 -1.56 3.57
N ASN B 125 -31.31 -1.31 3.23
CA ASN B 125 -32.42 -2.25 3.46
C ASN B 125 -32.58 -3.25 2.31
N LYS B 126 -32.16 -2.86 1.08
CA LYS B 126 -32.22 -3.68 -0.14
C LYS B 126 -31.26 -4.88 -0.06
N THR B 127 -31.62 -5.99 -0.74
CA THR B 127 -30.83 -7.24 -0.77
C THR B 127 -29.57 -7.06 -1.63
N MET B 128 -28.56 -7.93 -1.43
CA MET B 128 -27.27 -7.89 -2.14
C MET B 128 -27.41 -8.17 -3.64
N ILE B 129 -28.25 -9.16 -4.03
CA ILE B 129 -28.47 -9.53 -5.44
C ILE B 129 -29.26 -8.41 -6.18
N GLU B 130 -30.02 -7.58 -5.43
CA GLU B 130 -30.78 -6.45 -5.97
C GLU B 130 -29.81 -5.31 -6.33
N LEU B 131 -28.86 -5.01 -5.42
CA LEU B 131 -27.86 -3.95 -5.59
C LEU B 131 -26.80 -4.34 -6.61
N SER B 132 -26.47 -5.64 -6.74
CA SER B 132 -25.49 -6.15 -7.69
C SER B 132 -26.03 -6.12 -9.11
N ASP B 133 -27.38 -6.21 -9.26
CA ASP B 133 -28.13 -6.26 -10.53
C ASP B 133 -27.81 -7.59 -11.23
N ASN B 134 -28.05 -8.70 -10.49
CA ASN B 134 -27.86 -10.11 -10.85
C ASN B 134 -26.39 -10.46 -11.21
N GLU B 135 -25.43 -9.58 -10.83
CA GLU B 135 -24.00 -9.76 -11.08
C GLU B 135 -23.39 -10.71 -10.05
N ASN B 136 -22.67 -11.75 -10.53
CA ASN B 136 -22.00 -12.73 -9.69
C ASN B 136 -20.75 -13.28 -10.40
N PRO B 137 -19.52 -13.01 -9.88
CA PRO B 137 -19.19 -12.25 -8.67
C PRO B 137 -19.31 -10.73 -8.82
N TRP B 138 -19.68 -10.05 -7.72
CA TRP B 138 -19.86 -8.60 -7.66
C TRP B 138 -18.62 -7.96 -7.02
N THR B 139 -17.95 -7.06 -7.75
CA THR B 139 -16.73 -6.37 -7.31
C THR B 139 -17.08 -5.00 -6.70
N ILE B 140 -16.61 -4.76 -5.46
CA ILE B 140 -16.82 -3.51 -4.73
C ILE B 140 -15.48 -2.98 -4.19
N PHE B 141 -15.24 -1.67 -4.35
CA PHE B 141 -14.05 -1.00 -3.81
C PHE B 141 -14.33 -0.62 -2.37
N LEU B 142 -13.51 -1.14 -1.44
CA LEU B 142 -13.64 -0.85 -0.02
C LEU B 142 -12.80 0.40 0.31
N GLU B 143 -13.49 1.47 0.72
CA GLU B 143 -12.85 2.72 1.10
C GLU B 143 -12.80 2.84 2.61
N THR B 144 -11.59 3.07 3.15
CA THR B 144 -11.34 3.25 4.58
C THR B 144 -10.87 4.70 4.79
N VAL B 145 -10.88 5.18 6.05
CA VAL B 145 -10.42 6.53 6.39
C VAL B 145 -8.90 6.64 6.17
N ASP B 146 -8.41 7.87 5.91
CA ASP B 146 -6.98 8.13 5.70
C ASP B 146 -6.17 7.62 6.91
N PRO B 147 -5.10 6.79 6.70
CA PRO B 147 -4.34 6.24 7.84
C PRO B 147 -3.77 7.29 8.79
N GLU B 148 -3.67 8.55 8.34
CA GLU B 148 -3.18 9.70 9.11
C GLU B 148 -4.18 10.11 10.20
N LEU B 149 -5.48 10.14 9.84
CA LEU B 149 -6.57 10.53 10.74
C LEU B 149 -7.34 9.31 11.31
N ALA B 150 -6.94 8.08 10.92
CA ALA B 150 -7.56 6.83 11.36
C ALA B 150 -7.38 6.58 12.87
N ALA B 151 -6.23 7.02 13.44
CA ALA B 151 -5.90 6.88 14.86
C ALA B 151 -6.79 7.76 15.74
N SER B 152 -7.23 8.93 15.22
CA SER B 152 -8.10 9.89 15.91
C SER B 152 -9.53 9.37 16.07
N GLY B 153 -9.90 8.36 15.26
CA GLY B 153 -11.22 7.75 15.27
C GLY B 153 -12.25 8.58 14.51
N ALA B 154 -11.79 9.44 13.59
CA ALA B 154 -12.62 10.32 12.77
C ALA B 154 -13.35 9.55 11.68
N THR B 155 -14.58 9.99 11.37
CA THR B 155 -15.45 9.39 10.34
C THR B 155 -15.02 9.87 8.94
N LEU B 156 -15.60 9.26 7.88
CA LEU B 156 -15.33 9.67 6.50
C LEU B 156 -16.00 11.02 6.23
N PRO B 157 -15.41 11.93 5.40
CA PRO B 157 -16.06 13.24 5.17
C PRO B 157 -17.45 13.14 4.54
N LYS B 158 -18.26 14.21 4.71
CA LYS B 158 -19.63 14.30 4.19
C LYS B 158 -19.62 14.25 2.66
N PHE B 159 -20.44 13.34 2.09
CA PHE B 159 -20.53 13.17 0.65
C PHE B 159 -21.97 13.30 0.15
N ASP B 160 -22.23 14.35 -0.63
CA ASP B 160 -23.54 14.61 -1.24
C ASP B 160 -23.51 14.04 -2.66
N LYS B 161 -24.43 13.11 -2.96
CA LYS B 161 -24.54 12.44 -4.26
C LYS B 161 -24.87 13.41 -5.42
N ASP B 162 -25.44 14.59 -5.10
CA ASP B 162 -25.83 15.61 -6.07
C ASP B 162 -24.78 16.70 -6.29
N HIS B 163 -24.00 17.07 -5.26
CA HIS B 163 -23.00 18.14 -5.37
C HIS B 163 -21.54 17.68 -5.32
N ASP B 164 -21.23 16.56 -4.63
CA ASP B 164 -19.86 16.05 -4.52
C ASP B 164 -19.57 14.92 -5.51
N VAL B 165 -18.27 14.68 -5.78
CA VAL B 165 -17.79 13.63 -6.70
C VAL B 165 -16.45 13.05 -6.15
N MET B 166 -16.26 11.73 -6.33
CA MET B 166 -15.05 11.02 -5.90
C MET B 166 -14.06 11.00 -7.07
N LEU B 167 -12.96 11.77 -6.95
CA LEU B 167 -11.94 11.88 -7.98
C LEU B 167 -10.64 11.22 -7.54
N PHE B 168 -10.12 10.29 -8.36
CA PHE B 168 -8.88 9.55 -8.10
C PHE B 168 -7.69 10.30 -8.69
N LEU B 169 -6.54 10.26 -8.00
CA LEU B 169 -5.34 10.98 -8.42
C LEU B 169 -4.15 10.04 -8.67
N LYS B 170 -3.40 10.32 -9.75
CA LYS B 170 -2.21 9.59 -10.18
C LYS B 170 -1.10 10.60 -10.49
N MET B 171 0.13 10.32 -10.03
CA MET B 171 1.28 11.19 -10.31
C MET B 171 2.22 10.49 -11.27
N TYR B 172 2.57 11.16 -12.37
CA TYR B 172 3.50 10.61 -13.34
C TYR B 172 4.87 11.25 -13.19
N ASP B 173 5.91 10.41 -13.10
CA ASP B 173 7.30 10.86 -13.00
C ASP B 173 8.04 10.49 -14.29
N PRO B 174 8.32 11.47 -15.18
CA PRO B 174 9.00 11.14 -16.45
C PRO B 174 10.44 10.65 -16.24
N LYS B 175 11.11 11.10 -15.16
CA LYS B 175 12.47 10.73 -14.80
C LYS B 175 12.62 9.23 -14.48
N THR B 176 11.53 8.55 -14.08
CA THR B 176 11.55 7.13 -13.73
C THR B 176 10.57 6.27 -14.57
N ARG B 177 9.75 6.90 -15.45
CA ARG B 177 8.73 6.23 -16.31
C ARG B 177 7.69 5.50 -15.44
N SER B 178 7.29 6.11 -14.30
CA SER B 178 6.38 5.43 -13.39
C SER B 178 5.19 6.27 -12.92
N LEU B 179 4.09 5.57 -12.60
CA LEU B 179 2.87 6.13 -12.05
C LEU B 179 2.91 5.93 -10.54
N ASN B 180 2.54 6.97 -9.78
CA ASN B 180 2.52 6.94 -8.32
C ASN B 180 1.11 7.26 -7.84
N TYR B 181 0.46 6.28 -7.19
CA TYR B 181 -0.91 6.42 -6.69
C TYR B 181 -0.99 7.47 -5.59
N CYS B 182 -1.86 8.47 -5.78
CA CYS B 182 -2.03 9.60 -4.87
C CYS B 182 -3.44 9.64 -4.24
N GLY B 183 -4.04 8.46 -4.05
CA GLY B 183 -5.34 8.29 -3.44
C GLY B 183 -6.51 8.90 -4.19
N HIS B 184 -7.56 9.27 -3.42
CA HIS B 184 -8.80 9.87 -3.91
C HIS B 184 -9.20 11.08 -3.06
N ILE B 185 -10.11 11.93 -3.58
CA ILE B 185 -10.59 13.13 -2.87
C ILE B 185 -12.12 13.26 -2.97
N TYR B 186 -12.72 13.88 -1.93
CA TYR B 186 -14.15 14.16 -1.81
C TYR B 186 -14.38 15.62 -2.21
N THR B 187 -14.14 15.93 -3.50
CA THR B 187 -14.24 17.27 -4.06
C THR B 187 -15.65 17.59 -4.61
N PRO B 188 -16.18 18.83 -4.39
CA PRO B 188 -17.48 19.19 -4.98
C PRO B 188 -17.36 19.40 -6.49
N ILE B 189 -18.47 19.27 -7.23
CA ILE B 189 -18.54 19.43 -8.69
C ILE B 189 -18.18 20.88 -9.08
N SER B 190 -18.68 21.88 -8.34
CA SER B 190 -18.46 23.31 -8.58
C SER B 190 -17.02 23.79 -8.29
N CYS B 191 -16.18 22.97 -7.62
CA CYS B 191 -14.79 23.29 -7.26
C CYS B 191 -13.91 23.51 -8.50
N LYS B 192 -13.10 24.59 -8.47
CA LYS B 192 -12.16 24.97 -9.52
C LYS B 192 -10.96 24.02 -9.55
N ILE B 193 -10.34 23.85 -10.73
CA ILE B 193 -9.18 22.97 -10.96
C ILE B 193 -7.95 23.50 -10.20
N ARG B 194 -7.76 24.83 -10.16
CA ARG B 194 -6.64 25.49 -9.46
C ARG B 194 -6.66 25.22 -7.95
N ASP B 195 -7.86 24.98 -7.38
CA ASP B 195 -8.05 24.68 -5.96
C ASP B 195 -7.70 23.22 -5.63
N LEU B 196 -7.52 22.37 -6.67
CA LEU B 196 -7.18 20.95 -6.53
C LEU B 196 -5.66 20.71 -6.58
N LEU B 197 -4.90 21.68 -7.14
CA LEU B 197 -3.44 21.64 -7.27
C LEU B 197 -2.70 21.48 -5.91
N PRO B 198 -3.05 22.21 -4.80
CA PRO B 198 -2.31 22.01 -3.54
C PRO B 198 -2.45 20.60 -2.96
N VAL B 199 -3.62 19.95 -3.18
CA VAL B 199 -3.90 18.59 -2.71
C VAL B 199 -3.03 17.60 -3.49
N MET B 200 -2.90 17.83 -4.81
CA MET B 200 -2.07 17.02 -5.73
C MET B 200 -0.60 17.07 -5.33
N CYS B 201 -0.09 18.28 -4.99
CA CYS B 201 1.29 18.50 -4.55
C CYS B 201 1.58 17.78 -3.23
N ASP B 202 0.59 17.81 -2.30
CA ASP B 202 0.68 17.21 -0.97
C ASP B 202 0.75 15.67 -1.04
N ARG B 203 -0.10 15.05 -1.87
CA ARG B 203 -0.19 13.60 -2.03
C ARG B 203 1.00 13.02 -2.81
N ALA B 204 1.57 13.81 -3.74
CA ALA B 204 2.70 13.40 -4.57
C ALA B 204 4.05 13.54 -3.85
N GLY B 205 4.06 14.31 -2.76
CA GLY B 205 5.26 14.57 -1.98
C GLY B 205 6.06 15.76 -2.46
N PHE B 206 5.38 16.71 -3.13
CA PHE B 206 5.99 17.94 -3.64
C PHE B 206 5.72 19.10 -2.69
N ILE B 207 6.59 20.13 -2.72
CA ILE B 207 6.43 21.35 -1.92
C ILE B 207 5.25 22.16 -2.46
N GLN B 208 4.53 22.91 -1.59
CA GLN B 208 3.38 23.72 -1.97
C GLN B 208 3.73 24.72 -3.08
N ASP B 209 2.79 24.92 -4.03
CA ASP B 209 2.88 25.79 -5.19
C ASP B 209 4.00 25.33 -6.15
N THR B 210 3.76 24.17 -6.78
CA THR B 210 4.64 23.54 -7.77
C THR B 210 3.86 23.54 -9.10
N SER B 211 4.49 24.02 -10.19
CA SER B 211 3.85 24.08 -11.50
C SER B 211 3.58 22.65 -12.01
N LEU B 212 2.31 22.35 -12.33
CA LEU B 212 1.89 21.02 -12.77
C LEU B 212 1.19 21.02 -14.13
N ILE B 213 1.39 19.93 -14.89
CA ILE B 213 0.74 19.67 -16.18
C ILE B 213 -0.32 18.60 -15.86
N LEU B 214 -1.59 18.89 -16.16
CA LEU B 214 -2.71 17.99 -15.84
C LEU B 214 -3.32 17.31 -17.06
N TYR B 215 -3.70 16.03 -16.87
CA TYR B 215 -4.33 15.16 -17.87
C TYR B 215 -5.46 14.37 -17.22
N GLU B 216 -6.48 14.00 -18.01
CA GLU B 216 -7.58 13.17 -17.51
C GLU B 216 -7.47 11.80 -18.16
N GLU B 217 -7.29 10.74 -17.34
CA GLU B 217 -7.21 9.38 -17.84
C GLU B 217 -8.63 8.93 -18.17
N VAL B 218 -9.01 9.05 -19.45
CA VAL B 218 -10.34 8.71 -19.94
C VAL B 218 -10.44 7.19 -20.14
N LYS B 219 -9.61 6.64 -21.03
CA LYS B 219 -9.54 5.21 -21.39
C LYS B 219 -8.15 4.90 -21.99
N PRO B 220 -7.71 3.62 -22.15
CA PRO B 220 -6.39 3.36 -22.75
C PRO B 220 -6.25 4.01 -24.13
N ASN B 221 -5.12 4.76 -24.31
CA ASN B 221 -4.71 5.53 -25.50
C ASN B 221 -5.35 6.95 -25.53
N LEU B 222 -6.29 7.24 -24.60
CA LEU B 222 -6.93 8.56 -24.54
C LEU B 222 -6.70 9.23 -23.17
N THR B 223 -5.81 10.22 -23.15
CA THR B 223 -5.45 11.02 -21.98
C THR B 223 -5.48 12.50 -22.38
N GLU B 224 -6.66 13.12 -22.23
CA GLU B 224 -6.94 14.51 -22.59
C GLU B 224 -6.32 15.50 -21.61
N ARG B 225 -5.54 16.45 -22.15
CA ARG B 225 -4.83 17.50 -21.40
C ARG B 225 -5.82 18.61 -20.98
N ILE B 226 -5.74 19.04 -19.71
CA ILE B 226 -6.55 20.12 -19.15
C ILE B 226 -5.77 21.43 -19.39
N GLN B 227 -6.19 22.22 -20.40
CA GLN B 227 -5.52 23.46 -20.80
C GLN B 227 -5.73 24.59 -19.78
N ASP B 228 -6.99 24.88 -19.39
CA ASP B 228 -7.32 25.94 -18.46
C ASP B 228 -7.61 25.39 -17.05
N TYR B 229 -7.02 26.00 -16.02
CA TYR B 229 -7.17 25.61 -14.62
C TYR B 229 -8.17 26.52 -13.87
N ASP B 230 -8.60 27.62 -14.50
CA ASP B 230 -9.53 28.60 -13.92
C ASP B 230 -11.01 28.18 -14.05
N VAL B 231 -11.28 27.00 -14.62
CA VAL B 231 -12.63 26.45 -14.78
C VAL B 231 -12.91 25.37 -13.72
N SER B 232 -14.20 25.04 -13.50
CA SER B 232 -14.60 24.01 -12.53
C SER B 232 -14.32 22.60 -13.08
N LEU B 233 -14.37 21.58 -12.19
CA LEU B 233 -14.12 20.17 -12.52
C LEU B 233 -15.13 19.63 -13.54
N ASP B 234 -16.38 20.14 -13.51
CA ASP B 234 -17.47 19.73 -14.41
C ASP B 234 -17.24 20.21 -15.85
N LYS B 235 -16.69 21.43 -16.02
CA LYS B 235 -16.43 22.02 -17.33
C LYS B 235 -15.13 21.49 -17.96
N ALA B 236 -14.08 21.31 -17.14
CA ALA B 236 -12.76 20.82 -17.57
C ALA B 236 -12.78 19.35 -18.00
N LEU B 237 -13.54 18.51 -17.26
CA LEU B 237 -13.65 17.07 -17.53
C LEU B 237 -14.98 16.75 -18.21
N ASP B 238 -14.92 16.12 -19.40
N ASP B 238 -14.93 16.15 -19.41
CA ASP B 238 -16.11 15.73 -20.17
CA ASP B 238 -16.13 15.78 -20.16
C ASP B 238 -16.72 14.48 -19.53
C ASP B 238 -16.73 14.49 -19.59
N GLU B 239 -18.05 14.50 -19.32
CA GLU B 239 -18.85 13.42 -18.70
C GLU B 239 -18.29 13.06 -17.30
N LEU B 240 -18.22 14.08 -16.42
CA LEU B 240 -17.71 14.00 -15.03
C LEU B 240 -18.54 12.99 -14.22
N MET B 241 -17.85 11.97 -13.71
CA MET B 241 -18.45 10.87 -12.94
C MET B 241 -17.57 10.48 -11.74
N ASP B 242 -18.13 9.65 -10.84
CA ASP B 242 -17.42 9.10 -9.68
C ASP B 242 -16.48 8.01 -10.19
N GLY B 243 -15.20 8.13 -9.84
CA GLY B 243 -14.18 7.18 -10.25
C GLY B 243 -13.31 7.67 -11.41
N ASP B 244 -13.38 8.98 -11.73
CA ASP B 244 -12.58 9.60 -12.80
C ASP B 244 -11.16 9.81 -12.30
N ILE B 245 -10.17 9.71 -13.20
CA ILE B 245 -8.75 9.83 -12.85
C ILE B 245 -8.13 11.09 -13.47
N ILE B 246 -7.35 11.83 -12.65
CA ILE B 246 -6.58 12.99 -13.08
C ILE B 246 -5.10 12.64 -12.90
N VAL B 247 -4.36 12.57 -14.02
CA VAL B 247 -2.93 12.24 -14.03
C VAL B 247 -2.15 13.55 -14.16
N PHE B 248 -1.33 13.87 -13.15
CA PHE B 248 -0.55 15.10 -13.08
C PHE B 248 0.96 14.83 -12.99
N GLN B 249 1.77 15.78 -13.46
CA GLN B 249 3.23 15.72 -13.46
C GLN B 249 3.83 17.11 -13.26
N LYS B 250 5.10 17.20 -12.82
CA LYS B 250 5.82 18.45 -12.60
C LYS B 250 6.15 19.15 -13.92
N ASP B 251 5.79 20.44 -14.05
CA ASP B 251 6.08 21.24 -15.24
C ASP B 251 7.54 21.69 -15.11
N ASP B 252 8.46 20.91 -15.70
CA ASP B 252 9.90 21.13 -15.63
C ASP B 252 10.59 20.79 -16.96
N PRO B 253 11.56 21.62 -17.43
CA PRO B 253 12.24 21.32 -18.70
C PRO B 253 13.19 20.11 -18.64
N GLU B 254 13.47 19.57 -17.43
CA GLU B 254 14.33 18.41 -17.23
C GLU B 254 13.66 17.12 -17.73
N ASN B 255 12.31 17.14 -17.84
CA ASN B 255 11.50 16.02 -18.33
C ASN B 255 11.64 15.82 -19.85
N ASP B 256 12.12 16.86 -20.58
CA ASP B 256 12.31 16.82 -22.04
C ASP B 256 13.40 15.84 -22.47
N ASN B 257 14.43 15.64 -21.62
CA ASN B 257 15.54 14.73 -21.86
C ASN B 257 15.17 13.25 -21.60
N SER B 258 14.01 13.01 -20.95
CA SER B 258 13.51 11.67 -20.62
C SER B 258 13.00 10.92 -21.86
N GLU B 259 12.84 9.58 -21.71
CA GLU B 259 12.34 8.67 -22.76
C GLU B 259 10.88 8.98 -23.10
N LEU B 260 10.03 9.18 -22.06
CA LEU B 260 8.62 9.53 -22.20
C LEU B 260 8.38 10.82 -21.39
N PRO B 261 8.46 12.01 -22.04
CA PRO B 261 8.35 13.28 -21.31
C PRO B 261 6.98 13.57 -20.68
N THR B 262 5.88 13.13 -21.32
CA THR B 262 4.54 13.40 -20.82
C THR B 262 3.78 12.13 -20.44
N ALA B 263 2.72 12.27 -19.61
CA ALA B 263 1.84 11.19 -19.16
C ALA B 263 1.02 10.65 -20.34
N LYS B 264 0.71 11.52 -21.33
CA LYS B 264 -0.02 11.18 -22.55
C LYS B 264 0.81 10.22 -23.41
N GLU B 265 2.15 10.47 -23.51
CA GLU B 265 3.10 9.65 -24.26
C GLU B 265 3.29 8.29 -23.59
N TYR B 266 3.22 8.26 -22.24
CA TYR B 266 3.37 7.06 -21.42
C TYR B 266 2.23 6.06 -21.67
N PHE B 267 0.97 6.53 -21.62
CA PHE B 267 -0.20 5.68 -21.84
C PHE B 267 -0.35 5.25 -23.30
N ARG B 268 0.20 6.03 -24.25
CA ARG B 268 0.19 5.71 -25.68
C ARG B 268 1.17 4.56 -25.93
N ASP B 269 2.35 4.61 -25.29
CA ASP B 269 3.41 3.59 -25.35
C ASP B 269 2.93 2.29 -24.68
N LEU B 270 2.18 2.41 -23.57
CA LEU B 270 1.62 1.31 -22.80
C LEU B 270 0.56 0.54 -23.61
N TYR B 271 -0.26 1.28 -24.37
CA TYR B 271 -1.34 0.73 -25.20
C TYR B 271 -0.79 -0.02 -26.42
N HIS B 272 0.28 0.50 -27.04
CA HIS B 272 0.90 -0.08 -28.25
C HIS B 272 2.00 -1.11 -27.92
N ARG B 273 1.87 -1.82 -26.78
CA ARG B 273 2.81 -2.85 -26.33
C ARG B 273 2.52 -4.19 -26.99
#